data_3S37
#
_entry.id   3S37
#
_cell.length_a   63.684
_cell.length_b   63.684
_cell.length_c   275.028
_cell.angle_alpha   90.00
_cell.angle_beta   90.00
_cell.angle_gamma   90.00
#
_symmetry.space_group_name_H-M   'P 43 21 2'
#
loop_
_entity.id
_entity.type
_entity.pdbx_description
1 polymer '1121B Fab light chain'
2 polymer '1121B Fab heavy chain'
3 polymer 'Vascular endothelial growth factor receptor 2'
#
loop_
_entity_poly.entity_id
_entity_poly.type
_entity_poly.pdbx_seq_one_letter_code
_entity_poly.pdbx_strand_id
1 'polypeptide(L)'
;DIQMTQSPSSVSASIGDRVTITCRASQGIDNWLGWYQQKPGKAPKLLIYDASNLDTGVPSRFSGSGSGTYFTLTISSLQA
EDFAVYFCQQAKAFPPTFGGGTKVDIKRTVAAPSVFIFPPSDEQLKSGTASVVCLLNNFYPREAKVQWKVDNALQSGNSQ
ESVTEQDSKDSTYSLSSTLTLSKADYEKHKVYACEVTHQGLSSPVTKSFNRGEC
;
L
2 'polypeptide(L)'
;EVQLVQSGGGLVKPGGSLRLSCAASGFTFSSYSMNWVRQAPGKGLEWVSSISSSSSYIYYADSVKGRFTISRDNAKNSLY
LQMNSLRAEDTAVYYCARVTDAFDIWGQGTMVTVSSASTKGPSVFPLAPSSKSTSGGTAALGCLVKDYFPEPVTVSWNSG
ALTSGVHTFPAVLQSSGLYSLSSVVTVPSSSLGTQTYICNVNHKPSNTKVDKRVEPKSCAA
;
H
3 'polypeptide(L)'
;ADPGYRIYDVVLSPSHGIELSVGEKLVLNCTARTELNVGIDFNWEYPSSKHQHKKLVNRDLKTQSGSEMKKFLSTLTIDG
VTRSDQGLYTCAASSGLMTKKNSTFVRVHEKPFVAFGSGMES
;
X
#
# COMPACT_ATOMS: atom_id res chain seq x y z
N ILE A 2 11.79 -14.13 -6.12
CA ILE A 2 11.35 -14.89 -4.90
C ILE A 2 9.90 -14.55 -4.57
N GLN A 3 9.00 -15.50 -4.83
CA GLN A 3 7.56 -15.26 -4.80
C GLN A 3 6.88 -15.66 -3.49
N MET A 4 6.00 -14.79 -3.02
CA MET A 4 5.24 -15.01 -1.79
C MET A 4 3.77 -15.12 -2.13
N THR A 5 3.17 -16.28 -1.82
CA THR A 5 1.78 -16.55 -2.15
C THR A 5 0.97 -16.76 -0.87
N GLN A 6 -0.08 -15.95 -0.69
CA GLN A 6 -0.92 -16.01 0.51
C GLN A 6 -2.18 -16.83 0.28
N SER A 7 -2.60 -17.57 1.31
CA SER A 7 -3.77 -18.44 1.24
C SER A 7 -4.59 -18.33 2.52
N PRO A 8 -5.91 -18.09 2.41
CA PRO A 8 -6.67 -17.80 1.19
C PRO A 8 -6.67 -16.31 0.86
N SER A 9 -7.22 -15.94 -0.29
CA SER A 9 -7.30 -14.54 -0.68
C SER A 9 -8.29 -13.75 0.18
N SER A 10 -9.31 -14.45 0.69
CA SER A 10 -10.34 -13.82 1.52
C SER A 10 -10.78 -14.79 2.62
N VAL A 11 -11.04 -14.24 3.81
CA VAL A 11 -11.48 -15.05 4.95
C VAL A 11 -12.69 -14.41 5.61
N SER A 12 -13.80 -15.16 5.66
CA SER A 12 -15.00 -14.70 6.37
C SER A 12 -14.90 -15.11 7.82
N ALA A 13 -15.06 -14.14 8.72
CA ALA A 13 -14.93 -14.38 10.16
C ALA A 13 -15.90 -13.52 10.97
N SER A 14 -16.11 -13.92 12.21
CA SER A 14 -16.94 -13.18 13.16
C SER A 14 -16.12 -12.87 14.41
N ILE A 15 -16.68 -12.06 15.30
CA ILE A 15 -15.97 -11.62 16.49
C ILE A 15 -15.77 -12.77 17.48
N GLY A 16 -14.51 -13.03 17.84
CA GLY A 16 -14.15 -14.10 18.77
C GLY A 16 -13.55 -15.32 18.11
N ASP A 17 -13.50 -15.32 16.78
CA ASP A 17 -13.03 -16.49 16.03
C ASP A 17 -11.52 -16.64 16.04
N ARG A 18 -11.06 -17.88 15.84
CA ARG A 18 -9.64 -18.17 15.66
C ARG A 18 -9.34 -18.18 14.16
N VAL A 19 -8.88 -17.03 13.65
CA VAL A 19 -8.59 -16.87 12.23
C VAL A 19 -7.12 -17.19 11.96
N THR A 20 -6.87 -18.03 10.96
CA THR A 20 -5.50 -18.37 10.55
C THR A 20 -5.27 -17.95 9.11
N ILE A 21 -4.11 -17.35 8.86
CA ILE A 21 -3.70 -16.92 7.51
C ILE A 21 -2.38 -17.57 7.17
N THR A 22 -2.28 -18.12 5.97
CA THR A 22 -1.07 -18.82 5.50
C THR A 22 -0.30 -17.95 4.51
N CYS A 23 1.02 -18.08 4.53
CA CYS A 23 1.90 -17.39 3.57
C CYS A 23 2.99 -18.37 3.14
N ARG A 24 3.08 -18.59 1.82
CA ARG A 24 4.03 -19.55 1.25
C ARG A 24 5.05 -18.89 0.34
N ALA A 25 6.31 -19.27 0.51
CA ALA A 25 7.41 -18.74 -0.29
C ALA A 25 7.82 -19.74 -1.36
N SER A 26 8.40 -19.24 -2.46
CA SER A 26 8.89 -20.09 -3.54
C SER A 26 10.14 -20.86 -3.13
N GLN A 27 11.02 -20.19 -2.40
CA GLN A 27 12.24 -20.80 -1.86
C GLN A 27 12.35 -20.55 -0.35
N GLY A 28 13.31 -21.21 0.28
CA GLY A 28 13.49 -21.14 1.73
C GLY A 28 13.91 -19.75 2.22
N ILE A 29 13.26 -19.30 3.30
CA ILE A 29 13.54 -17.98 3.89
C ILE A 29 13.95 -18.11 5.37
N ASP A 30 14.25 -19.33 5.80
CA ASP A 30 14.63 -19.60 7.20
C ASP A 30 13.44 -18.98 7.96
N ASN A 31 13.73 -18.01 8.82
CA ASN A 31 12.70 -17.34 9.63
C ASN A 31 12.38 -15.84 9.40
N TRP A 32 12.87 -15.27 8.30
CA TRP A 32 12.75 -13.83 8.07
C TRP A 32 11.45 -13.51 7.34
N LEU A 33 10.35 -13.55 8.09
CA LEU A 33 9.02 -13.22 7.56
C LEU A 33 8.36 -12.17 8.44
N GLY A 34 7.80 -11.16 7.80
CA GLY A 34 7.06 -10.10 8.50
C GLY A 34 5.59 -10.18 8.18
N TRP A 35 4.77 -9.67 9.10
CA TRP A 35 3.33 -9.55 8.89
C TRP A 35 2.89 -8.10 9.10
N TYR A 36 2.08 -7.59 8.17
CA TYR A 36 1.58 -6.22 8.24
C TYR A 36 0.07 -6.20 8.16
N GLN A 37 -0.55 -5.21 8.81
CA GLN A 37 -1.98 -4.99 8.76
C GLN A 37 -2.25 -3.66 8.05
N GLN A 38 -3.18 -3.67 7.10
CA GLN A 38 -3.63 -2.45 6.44
C GLN A 38 -5.15 -2.39 6.43
N LYS A 39 -5.67 -1.24 6.85
CA LYS A 39 -7.10 -0.94 6.72
C LYS A 39 -7.26 0.07 5.60
N PRO A 40 -8.42 0.07 4.92
CA PRO A 40 -8.65 0.99 3.79
C PRO A 40 -8.32 2.44 4.12
N GLY A 41 -7.58 3.11 3.22
CA GLY A 41 -7.31 4.54 3.34
C GLY A 41 -6.02 4.90 4.04
N LYS A 42 -5.63 4.12 5.05
CA LYS A 42 -4.42 4.41 5.82
C LYS A 42 -3.28 3.44 5.52
N ALA A 43 -2.09 3.77 6.02
CA ALA A 43 -0.88 3.02 5.72
C ALA A 43 -0.80 1.73 6.53
N PRO A 44 0.02 0.76 6.07
CA PRO A 44 0.21 -0.49 6.82
C PRO A 44 0.95 -0.32 8.15
N LYS A 45 0.78 -1.29 9.04
CA LYS A 45 1.45 -1.31 10.33
C LYS A 45 2.00 -2.70 10.63
N LEU A 46 3.25 -2.76 11.09
CA LEU A 46 3.91 -4.03 11.35
C LEU A 46 3.32 -4.72 12.58
N LEU A 47 2.89 -5.96 12.40
CA LEU A 47 2.34 -6.78 13.47
C LEU A 47 3.44 -7.65 14.08
N ILE A 48 4.04 -8.48 13.23
CA ILE A 48 5.03 -9.47 13.66
C ILE A 48 6.24 -9.43 12.74
N TYR A 49 7.43 -9.60 13.32
CA TYR A 49 8.69 -9.64 12.56
C TYR A 49 9.49 -10.88 12.95
N ASP A 50 10.39 -11.30 12.06
CA ASP A 50 11.13 -12.55 12.23
C ASP A 50 10.20 -13.73 12.56
N ALA A 51 9.08 -13.80 11.85
CA ALA A 51 8.13 -14.92 11.94
C ALA A 51 7.27 -14.94 13.20
N SER A 52 7.90 -14.94 14.38
CA SER A 52 7.19 -15.16 15.64
C SER A 52 7.16 -13.98 16.61
N ASN A 53 8.09 -13.03 16.45
CA ASN A 53 8.23 -11.93 17.41
C ASN A 53 7.22 -10.82 17.18
N LEU A 54 6.48 -10.46 18.23
CA LEU A 54 5.48 -9.38 18.15
C LEU A 54 6.11 -8.01 18.31
N ASP A 55 5.57 -7.03 17.60
CA ASP A 55 6.04 -5.64 17.67
C ASP A 55 5.42 -4.95 18.88
N THR A 56 6.08 -3.90 19.35
CA THR A 56 5.60 -3.13 20.51
C THR A 56 4.29 -2.42 20.19
N GLY A 57 3.33 -2.52 21.12
CA GLY A 57 2.01 -1.92 20.93
C GLY A 57 0.96 -2.88 20.39
N VAL A 58 1.41 -3.93 19.70
CA VAL A 58 0.49 -4.91 19.13
C VAL A 58 -0.05 -5.84 20.22
N PRO A 59 -1.38 -6.07 20.24
CA PRO A 59 -1.95 -6.95 21.27
C PRO A 59 -1.53 -8.41 21.13
N SER A 60 -1.61 -9.15 22.24
CA SER A 60 -1.10 -10.52 22.30
C SER A 60 -1.97 -11.55 21.56
N ARG A 61 -3.16 -11.14 21.11
CA ARG A 61 -4.04 -12.04 20.36
C ARG A 61 -3.46 -12.42 18.99
N PHE A 62 -2.59 -11.57 18.44
CA PHE A 62 -1.87 -11.89 17.21
C PHE A 62 -0.66 -12.75 17.52
N SER A 63 -0.45 -13.79 16.71
CA SER A 63 0.69 -14.69 16.88
C SER A 63 1.11 -15.25 15.52
N GLY A 64 2.40 -15.55 15.40
CA GLY A 64 2.97 -16.06 14.14
C GLY A 64 3.88 -17.27 14.36
N SER A 65 3.93 -18.15 13.36
CA SER A 65 4.77 -19.34 13.42
C SER A 65 5.22 -19.78 12.02
N GLY A 66 6.05 -20.82 11.98
CA GLY A 66 6.49 -21.42 10.71
C GLY A 66 7.94 -21.11 10.38
N SER A 67 8.46 -21.81 9.39
CA SER A 67 9.85 -21.63 8.94
C SER A 67 10.06 -22.23 7.54
N GLY A 68 11.13 -21.81 6.88
CA GLY A 68 11.47 -22.32 5.55
C GLY A 68 10.58 -21.73 4.47
N THR A 69 9.61 -22.51 4.01
CA THR A 69 8.66 -22.08 2.99
C THR A 69 7.28 -21.77 3.58
N TYR A 70 6.85 -22.57 4.56
CA TYR A 70 5.51 -22.44 5.14
C TYR A 70 5.51 -21.51 6.35
N PHE A 71 4.56 -20.58 6.38
CA PHE A 71 4.38 -19.67 7.51
C PHE A 71 2.89 -19.45 7.79
N THR A 72 2.58 -19.08 9.02
CA THR A 72 1.18 -18.88 9.44
C THR A 72 1.03 -17.71 10.42
N LEU A 73 -0.03 -16.93 10.23
CA LEU A 73 -0.42 -15.87 11.15
C LEU A 73 -1.78 -16.21 11.73
N THR A 74 -1.83 -16.42 13.05
CA THR A 74 -3.09 -16.71 13.73
C THR A 74 -3.54 -15.54 14.59
N ILE A 75 -4.85 -15.29 14.58
CA ILE A 75 -5.49 -14.33 15.49
C ILE A 75 -6.32 -15.17 16.46
N SER A 76 -5.96 -15.14 17.74
CA SER A 76 -6.57 -16.03 18.73
C SER A 76 -8.06 -15.76 18.94
N SER A 77 -8.41 -14.48 19.11
CA SER A 77 -9.79 -14.06 19.34
C SER A 77 -10.08 -12.77 18.57
N LEU A 78 -10.81 -12.90 17.46
CA LEU A 78 -11.03 -11.79 16.53
C LEU A 78 -11.83 -10.66 17.17
N GLN A 79 -11.38 -9.42 16.92
CA GLN A 79 -12.06 -8.22 17.42
C GLN A 79 -12.44 -7.31 16.26
N ALA A 80 -13.32 -6.36 16.51
CA ALA A 80 -13.85 -5.46 15.48
C ALA A 80 -12.77 -4.64 14.76
N GLU A 81 -11.66 -4.38 15.47
CA GLU A 81 -10.54 -3.64 14.88
C GLU A 81 -9.76 -4.50 13.88
N ASP A 82 -9.82 -5.82 14.03
CA ASP A 82 -8.97 -6.73 13.26
C ASP A 82 -9.45 -6.97 11.82
N PHE A 83 -10.66 -6.56 11.50
CA PHE A 83 -11.17 -6.70 10.12
C PHE A 83 -10.36 -5.81 9.18
N ALA A 84 -9.46 -6.43 8.42
CA ALA A 84 -8.55 -5.71 7.53
C ALA A 84 -7.77 -6.66 6.63
N VAL A 85 -6.96 -6.09 5.74
CA VAL A 85 -6.10 -6.86 4.85
C VAL A 85 -4.77 -7.14 5.53
N TYR A 86 -4.23 -8.34 5.30
CA TYR A 86 -2.97 -8.75 5.92
C TYR A 86 -1.95 -9.22 4.88
N PHE A 87 -0.77 -8.60 4.88
CA PHE A 87 0.30 -8.92 3.94
C PHE A 87 1.48 -9.58 4.66
N CYS A 88 2.08 -10.59 4.03
CA CYS A 88 3.35 -11.14 4.50
C CYS A 88 4.48 -10.62 3.61
N GLN A 89 5.67 -10.51 4.18
CA GLN A 89 6.83 -9.95 3.46
C GLN A 89 8.12 -10.68 3.82
N GLN A 90 8.89 -11.03 2.79
CA GLN A 90 10.11 -11.83 2.95
C GLN A 90 11.34 -10.92 3.02
N ALA A 91 12.33 -11.35 3.79
CA ALA A 91 13.58 -10.60 3.98
C ALA A 91 14.80 -11.53 3.91
N LYS A 92 14.93 -12.22 2.78
CA LYS A 92 16.05 -13.13 2.54
C LYS A 92 16.82 -12.69 1.29
N ALA A 93 16.20 -12.89 0.12
CA ALA A 93 16.81 -12.51 -1.17
C ALA A 93 16.89 -11.00 -1.32
N PHE A 94 17.60 -10.55 -2.36
CA PHE A 94 17.83 -9.11 -2.58
C PHE A 94 16.55 -8.30 -2.53
N PRO A 95 15.61 -8.52 -3.47
CA PRO A 95 14.41 -7.70 -3.44
C PRO A 95 13.42 -8.24 -2.42
N PRO A 96 13.10 -7.44 -1.39
CA PRO A 96 12.07 -7.89 -0.45
C PRO A 96 10.70 -7.87 -1.11
N THR A 97 10.12 -9.04 -1.30
CA THR A 97 8.83 -9.18 -1.98
C THR A 97 7.70 -9.27 -0.97
N PHE A 98 6.51 -8.83 -1.39
CA PHE A 98 5.30 -8.90 -0.57
C PHE A 98 4.36 -9.96 -1.11
N GLY A 99 3.44 -10.41 -0.26
CA GLY A 99 2.37 -11.33 -0.67
C GLY A 99 1.23 -10.55 -1.31
N GLY A 100 0.30 -11.27 -1.92
CA GLY A 100 -0.85 -10.66 -2.59
C GLY A 100 -1.87 -10.04 -1.64
N GLY A 101 -1.87 -10.51 -0.39
CA GLY A 101 -2.74 -9.97 0.64
C GLY A 101 -3.95 -10.86 0.89
N THR A 102 -4.39 -10.90 2.15
CA THR A 102 -5.57 -11.67 2.55
C THR A 102 -6.53 -10.79 3.32
N LYS A 103 -7.72 -10.56 2.76
CA LYS A 103 -8.73 -9.73 3.42
C LYS A 103 -9.54 -10.56 4.41
N VAL A 104 -9.55 -10.11 5.67
CA VAL A 104 -10.43 -10.68 6.69
C VAL A 104 -11.64 -9.76 6.85
N ASP A 105 -12.80 -10.25 6.42
CA ASP A 105 -14.03 -9.44 6.45
C ASP A 105 -15.12 -10.07 7.32
N ILE A 106 -16.21 -9.33 7.50
CA ILE A 106 -17.29 -9.72 8.40
C ILE A 106 -18.14 -10.82 7.77
N LYS A 107 -18.26 -11.95 8.47
CA LYS A 107 -19.09 -13.07 8.02
C LYS A 107 -20.53 -12.61 7.84
N ARG A 108 -21.20 -13.19 6.84
CA ARG A 108 -22.56 -12.83 6.49
C ARG A 108 -23.21 -14.05 5.84
N THR A 109 -24.54 -14.03 5.71
CA THR A 109 -25.24 -15.03 4.92
C THR A 109 -24.80 -14.89 3.46
N VAL A 110 -24.68 -16.02 2.76
CA VAL A 110 -24.32 -15.98 1.34
C VAL A 110 -25.43 -15.25 0.58
N ALA A 111 -25.02 -14.30 -0.26
CA ALA A 111 -25.95 -13.46 -0.99
C ALA A 111 -25.58 -13.40 -2.46
N ALA A 112 -26.47 -13.89 -3.33
CA ALA A 112 -26.29 -13.77 -4.76
C ALA A 112 -26.47 -12.32 -5.18
N PRO A 113 -25.66 -11.84 -6.13
CA PRO A 113 -25.81 -10.46 -6.58
C PRO A 113 -27.06 -10.25 -7.43
N SER A 114 -27.78 -9.16 -7.18
CA SER A 114 -28.82 -8.70 -8.08
C SER A 114 -28.11 -8.00 -9.23
N VAL A 115 -28.23 -8.56 -10.43
CA VAL A 115 -27.47 -8.07 -11.58
C VAL A 115 -28.31 -7.15 -12.45
N PHE A 116 -27.78 -5.97 -12.75
CA PHE A 116 -28.43 -5.00 -13.62
C PHE A 116 -27.48 -4.60 -14.74
N ILE A 117 -28.00 -4.48 -15.96
CA ILE A 117 -27.20 -4.03 -17.10
C ILE A 117 -27.77 -2.72 -17.63
N PHE A 118 -26.88 -1.78 -17.91
CA PHE A 118 -27.26 -0.45 -18.37
C PHE A 118 -26.66 -0.18 -19.74
N PRO A 119 -27.51 0.00 -20.77
CA PRO A 119 -26.99 0.40 -22.07
C PRO A 119 -26.51 1.86 -22.05
N PRO A 120 -25.68 2.25 -23.04
CA PRO A 120 -25.22 3.63 -23.13
C PRO A 120 -26.36 4.60 -23.40
N SER A 121 -26.31 5.77 -22.79
CA SER A 121 -27.31 6.80 -23.02
C SER A 121 -27.13 7.39 -24.41
N ASP A 122 -28.25 7.87 -24.99
CA ASP A 122 -28.20 8.54 -26.28
C ASP A 122 -27.41 9.85 -26.20
N GLU A 123 -27.41 10.46 -25.02
CA GLU A 123 -26.61 11.66 -24.75
C GLU A 123 -25.11 11.38 -24.94
N GLN A 124 -24.69 10.18 -24.56
CA GLN A 124 -23.29 9.77 -24.70
C GLN A 124 -22.94 9.43 -26.15
N LEU A 125 -23.85 8.76 -26.85
CA LEU A 125 -23.60 8.32 -28.23
C LEU A 125 -23.38 9.51 -29.19
N LYS A 126 -23.95 10.67 -28.84
CA LYS A 126 -23.70 11.91 -29.59
C LYS A 126 -22.22 12.32 -29.52
N SER A 127 -21.53 11.95 -28.44
CA SER A 127 -20.11 12.25 -28.27
C SER A 127 -19.18 11.17 -28.86
N GLY A 128 -19.74 10.25 -29.64
CA GLY A 128 -18.93 9.27 -30.37
C GLY A 128 -18.35 8.13 -29.55
N THR A 129 -18.83 7.96 -28.32
CA THR A 129 -18.37 6.88 -27.44
C THR A 129 -19.57 6.13 -26.86
N ALA A 130 -19.33 4.89 -26.44
CA ALA A 130 -20.38 4.03 -25.91
C ALA A 130 -19.91 3.28 -24.68
N SER A 131 -20.55 3.53 -23.54
CA SER A 131 -20.23 2.84 -22.29
C SER A 131 -21.39 1.96 -21.86
N VAL A 132 -21.09 0.69 -21.59
CA VAL A 132 -22.08 -0.26 -21.10
C VAL A 132 -21.69 -0.68 -19.69
N VAL A 133 -22.57 -0.42 -18.72
CA VAL A 133 -22.30 -0.71 -17.32
C VAL A 133 -23.08 -1.93 -16.84
N CYS A 134 -22.41 -2.78 -16.07
CA CYS A 134 -23.04 -3.95 -15.45
C CYS A 134 -22.88 -3.88 -13.94
N LEU A 135 -24.01 -3.84 -13.23
CA LEU A 135 -24.01 -3.70 -11.78
C LEU A 135 -24.29 -5.03 -11.11
N LEU A 136 -23.36 -5.47 -10.27
CA LEU A 136 -23.59 -6.59 -9.36
C LEU A 136 -23.79 -5.99 -7.97
N ASN A 137 -25.03 -5.98 -7.49
CA ASN A 137 -25.37 -5.27 -6.26
C ASN A 137 -25.61 -6.21 -5.07
N ASN A 138 -25.06 -5.84 -3.92
CA ASN A 138 -25.33 -6.52 -2.64
C ASN A 138 -25.07 -8.03 -2.65
N PHE A 139 -23.80 -8.41 -2.65
CA PHE A 139 -23.43 -9.82 -2.67
C PHE A 139 -22.32 -10.14 -1.66
N TYR A 140 -22.30 -11.39 -1.22
CA TYR A 140 -21.29 -11.89 -0.30
C TYR A 140 -21.11 -13.39 -0.50
N PRO A 141 -19.86 -13.88 -0.57
CA PRO A 141 -18.58 -13.21 -0.36
C PRO A 141 -18.12 -12.30 -1.52
N ARG A 142 -16.95 -11.69 -1.34
CA ARG A 142 -16.41 -10.68 -2.26
C ARG A 142 -16.03 -11.23 -3.64
N GLU A 143 -15.57 -12.48 -3.69
CA GLU A 143 -15.13 -13.10 -4.94
C GLU A 143 -16.26 -13.17 -5.97
N ALA A 144 -16.05 -12.52 -7.11
CA ALA A 144 -17.02 -12.54 -8.22
C ALA A 144 -16.31 -12.35 -9.55
N LYS A 145 -16.75 -13.10 -10.56
CA LYS A 145 -16.15 -13.05 -11.89
C LYS A 145 -17.17 -12.52 -12.88
N VAL A 146 -16.80 -11.49 -13.65
CA VAL A 146 -17.68 -10.87 -14.63
C VAL A 146 -17.08 -11.00 -16.03
N GLN A 147 -17.92 -11.33 -17.00
CA GLN A 147 -17.50 -11.47 -18.38
C GLN A 147 -18.48 -10.79 -19.33
N TRP A 148 -17.95 -9.93 -20.20
CA TRP A 148 -18.76 -9.25 -21.21
C TRP A 148 -18.76 -10.04 -22.50
N LYS A 149 -19.93 -10.16 -23.13
CA LYS A 149 -20.08 -10.84 -24.41
C LYS A 149 -20.90 -9.99 -25.38
N VAL A 150 -20.33 -9.69 -26.55
CA VAL A 150 -21.01 -8.93 -27.59
C VAL A 150 -21.22 -9.83 -28.80
N ASP A 151 -22.47 -10.22 -29.03
CA ASP A 151 -22.81 -11.24 -30.04
C ASP A 151 -21.97 -12.51 -29.83
N ASN A 152 -21.96 -13.01 -28.59
CA ASN A 152 -21.22 -14.21 -28.20
C ASN A 152 -19.69 -14.07 -28.29
N ALA A 153 -19.20 -12.84 -28.45
CA ALA A 153 -17.76 -12.58 -28.55
C ALA A 153 -17.24 -12.06 -27.22
N LEU A 154 -16.45 -12.89 -26.53
CA LEU A 154 -15.91 -12.53 -25.23
C LEU A 154 -14.99 -11.31 -25.35
N GLN A 155 -15.27 -10.30 -24.53
CA GLN A 155 -14.53 -9.04 -24.56
C GLN A 155 -13.50 -9.03 -23.44
N SER A 156 -12.28 -8.64 -23.76
CA SER A 156 -11.18 -8.57 -22.79
C SER A 156 -10.28 -7.38 -23.09
N GLY A 157 -9.82 -6.71 -22.03
CA GLY A 157 -8.95 -5.54 -22.17
C GLY A 157 -9.68 -4.21 -22.28
N ASN A 158 -10.94 -4.27 -22.72
CA ASN A 158 -11.76 -3.06 -22.93
C ASN A 158 -12.85 -2.88 -21.87
N SER A 159 -12.63 -3.44 -20.68
CA SER A 159 -13.56 -3.26 -19.56
C SER A 159 -12.79 -3.03 -18.26
N GLN A 160 -13.37 -2.24 -17.37
CA GLN A 160 -12.78 -1.95 -16.06
C GLN A 160 -13.84 -2.12 -14.98
N GLU A 161 -13.42 -2.64 -13.83
CA GLU A 161 -14.33 -2.85 -12.70
C GLU A 161 -13.79 -2.27 -11.40
N SER A 162 -14.69 -1.86 -10.52
CA SER A 162 -14.32 -1.38 -9.19
C SER A 162 -15.34 -1.82 -8.14
N VAL A 163 -14.84 -2.30 -7.00
CA VAL A 163 -15.70 -2.80 -5.93
C VAL A 163 -15.71 -1.84 -4.76
N THR A 164 -16.88 -1.68 -4.13
CA THR A 164 -17.00 -0.89 -2.91
C THR A 164 -16.43 -1.66 -1.74
N GLU A 165 -16.20 -0.97 -0.62
CA GLU A 165 -15.80 -1.62 0.63
C GLU A 165 -17.00 -2.37 1.20
N GLN A 166 -16.73 -3.26 2.15
CA GLN A 166 -17.80 -3.99 2.82
C GLN A 166 -18.73 -2.99 3.51
N ASP A 167 -20.00 -3.05 3.14
CA ASP A 167 -21.00 -2.09 3.62
C ASP A 167 -21.10 -2.09 5.14
N SER A 168 -21.34 -0.91 5.71
CA SER A 168 -21.43 -0.77 7.17
C SER A 168 -22.75 -1.29 7.75
N LYS A 169 -23.83 -1.23 6.96
CA LYS A 169 -25.13 -1.71 7.41
C LYS A 169 -25.32 -3.21 7.21
N ASP A 170 -25.21 -3.67 5.96
CA ASP A 170 -25.54 -5.06 5.61
C ASP A 170 -24.34 -5.97 5.34
N SER A 171 -23.12 -5.41 5.38
CA SER A 171 -21.88 -6.18 5.18
C SER A 171 -21.77 -6.84 3.79
N THR A 172 -22.52 -6.34 2.81
CA THR A 172 -22.44 -6.85 1.45
C THR A 172 -21.46 -6.01 0.65
N TYR A 173 -21.11 -6.51 -0.54
CA TYR A 173 -20.31 -5.78 -1.50
C TYR A 173 -21.17 -5.47 -2.71
N SER A 174 -20.75 -4.45 -3.47
CA SER A 174 -21.30 -4.20 -4.79
C SER A 174 -20.16 -3.99 -5.76
N LEU A 175 -20.39 -4.34 -7.02
CA LEU A 175 -19.36 -4.25 -8.06
C LEU A 175 -19.92 -3.62 -9.33
N SER A 176 -19.11 -2.80 -9.98
CA SER A 176 -19.46 -2.15 -11.23
C SER A 176 -18.42 -2.49 -12.29
N SER A 177 -18.89 -2.96 -13.44
CA SER A 177 -18.01 -3.23 -14.59
C SER A 177 -18.45 -2.42 -15.79
N THR A 178 -17.57 -1.58 -16.31
CA THR A 178 -17.87 -0.71 -17.44
C THR A 178 -17.15 -1.18 -18.70
N LEU A 179 -17.92 -1.51 -19.73
CA LEU A 179 -17.37 -1.88 -21.03
C LEU A 179 -17.36 -0.66 -21.95
N THR A 180 -16.17 -0.30 -22.43
CA THR A 180 -16.00 0.86 -23.30
C THR A 180 -15.90 0.43 -24.77
N LEU A 181 -16.76 1.00 -25.61
CA LEU A 181 -16.72 0.78 -27.05
C LEU A 181 -16.91 2.09 -27.79
N SER A 182 -16.47 2.13 -29.04
CA SER A 182 -16.72 3.27 -29.91
C SER A 182 -18.17 3.21 -30.40
N LYS A 183 -18.69 4.36 -30.83
CA LYS A 183 -20.04 4.44 -31.38
C LYS A 183 -20.21 3.50 -32.58
N ALA A 184 -19.20 3.46 -33.44
CA ALA A 184 -19.22 2.63 -34.64
C ALA A 184 -19.34 1.15 -34.27
N ASP A 185 -18.44 0.67 -33.43
CA ASP A 185 -18.47 -0.74 -32.99
C ASP A 185 -19.74 -1.07 -32.22
N TYR A 186 -20.28 -0.10 -31.49
CA TYR A 186 -21.52 -0.31 -30.74
C TYR A 186 -22.72 -0.48 -31.67
N GLU A 187 -22.81 0.36 -32.70
CA GLU A 187 -23.91 0.29 -33.68
C GLU A 187 -23.82 -0.92 -34.61
N LYS A 188 -22.64 -1.52 -34.71
CA LYS A 188 -22.45 -2.74 -35.51
C LYS A 188 -23.13 -3.95 -34.89
N HIS A 189 -22.96 -4.12 -33.58
CA HIS A 189 -23.43 -5.33 -32.89
C HIS A 189 -24.76 -5.13 -32.17
N LYS A 190 -25.48 -6.23 -31.98
CA LYS A 190 -26.86 -6.21 -31.51
C LYS A 190 -26.99 -6.64 -30.04
N VAL A 191 -26.55 -7.85 -29.74
CA VAL A 191 -26.69 -8.43 -28.40
C VAL A 191 -25.53 -7.99 -27.51
N TYR A 192 -25.84 -7.62 -26.27
CA TYR A 192 -24.84 -7.22 -25.28
C TYR A 192 -25.12 -7.90 -23.95
N ALA A 193 -24.32 -8.90 -23.61
CA ALA A 193 -24.57 -9.72 -22.43
C ALA A 193 -23.54 -9.48 -21.33
N CYS A 194 -24.01 -9.46 -20.09
CA CYS A 194 -23.14 -9.44 -18.92
C CYS A 194 -23.33 -10.74 -18.14
N GLU A 195 -22.36 -11.63 -18.23
CA GLU A 195 -22.39 -12.91 -17.54
C GLU A 195 -21.65 -12.80 -16.22
N VAL A 196 -22.31 -13.17 -15.13
CA VAL A 196 -21.73 -13.12 -13.79
C VAL A 196 -21.78 -14.49 -13.12
N THR A 197 -20.69 -14.87 -12.45
CA THR A 197 -20.63 -16.11 -11.67
C THR A 197 -20.26 -15.78 -10.23
N HIS A 198 -21.04 -16.33 -9.29
CA HIS A 198 -20.86 -16.07 -7.86
C HIS A 198 -21.30 -17.29 -7.07
N GLN A 199 -20.82 -17.40 -5.83
CA GLN A 199 -21.13 -18.54 -4.96
C GLN A 199 -22.63 -18.67 -4.68
N GLY A 200 -23.28 -17.54 -4.36
CA GLY A 200 -24.71 -17.50 -4.07
C GLY A 200 -25.62 -17.90 -5.22
N LEU A 201 -25.10 -17.87 -6.45
CA LEU A 201 -25.82 -18.36 -7.62
C LEU A 201 -25.42 -19.81 -7.91
N SER A 202 -26.41 -20.68 -8.06
CA SER A 202 -26.16 -22.09 -8.35
C SER A 202 -25.50 -22.28 -9.71
N SER A 203 -25.94 -21.47 -10.68
CA SER A 203 -25.33 -21.46 -12.02
C SER A 203 -25.15 -20.01 -12.48
N PRO A 204 -24.26 -19.79 -13.47
CA PRO A 204 -24.01 -18.43 -13.97
C PRO A 204 -25.26 -17.73 -14.48
N VAL A 205 -25.46 -16.49 -14.05
CA VAL A 205 -26.59 -15.67 -14.48
C VAL A 205 -26.11 -14.64 -15.51
N THR A 206 -26.85 -14.49 -16.60
CA THR A 206 -26.50 -13.56 -17.66
C THR A 206 -27.65 -12.57 -17.92
N LYS A 207 -27.37 -11.28 -17.76
CA LYS A 207 -28.31 -10.22 -18.07
C LYS A 207 -27.90 -9.55 -19.38
N SER A 208 -28.82 -9.49 -20.33
CA SER A 208 -28.51 -8.99 -21.67
C SER A 208 -29.63 -8.12 -22.22
N PHE A 209 -29.29 -7.33 -23.24
CA PHE A 209 -30.26 -6.49 -23.94
C PHE A 209 -29.94 -6.44 -25.43
N ASN A 210 -30.98 -6.31 -26.24
CA ASN A 210 -30.82 -6.10 -27.67
C ASN A 210 -30.83 -4.60 -27.97
N ARG A 211 -29.76 -4.13 -28.62
CA ARG A 211 -29.64 -2.73 -29.01
C ARG A 211 -30.83 -2.32 -29.87
N GLY A 212 -31.64 -1.40 -29.36
CA GLY A 212 -32.85 -0.95 -30.05
C GLY A 212 -34.04 -0.78 -29.10
N GLU A 213 -34.17 -1.71 -28.16
CA GLU A 213 -35.27 -1.67 -27.19
C GLU A 213 -35.05 -0.59 -26.13
N VAL B 2 6.17 8.79 18.08
CA VAL B 2 6.88 8.38 16.87
C VAL B 2 5.99 8.62 15.64
N GLN B 3 6.47 9.47 14.74
CA GLN B 3 5.69 9.86 13.55
C GLN B 3 6.56 9.86 12.29
N LEU B 4 5.91 9.84 11.13
CA LEU B 4 6.57 10.00 9.84
C LEU B 4 5.62 10.72 8.87
N VAL B 5 5.80 12.03 8.73
CA VAL B 5 4.93 12.84 7.89
C VAL B 5 5.49 12.94 6.47
N GLN B 6 4.62 12.74 5.48
CA GLN B 6 4.99 12.82 4.08
C GLN B 6 4.41 14.05 3.41
N SER B 7 5.03 14.47 2.30
CA SER B 7 4.56 15.62 1.52
C SER B 7 5.26 15.67 0.17
N GLY B 8 4.76 16.53 -0.72
CA GLY B 8 5.42 16.80 -1.99
C GLY B 8 4.79 16.15 -3.21
N GLY B 9 4.05 15.06 -3.01
CA GLY B 9 3.41 14.34 -4.11
C GLY B 9 2.23 15.09 -4.72
N GLY B 10 1.75 14.61 -5.86
CA GLY B 10 0.61 15.23 -6.54
C GLY B 10 0.42 14.75 -7.97
N LEU B 11 0.26 15.71 -8.88
CA LEU B 11 0.00 15.42 -10.29
C LEU B 11 1.22 15.70 -11.15
N VAL B 12 1.52 14.78 -12.06
CA VAL B 12 2.64 14.93 -12.99
C VAL B 12 2.26 14.36 -14.36
N LYS B 13 2.84 14.92 -15.41
CA LYS B 13 2.69 14.39 -16.77
C LYS B 13 3.92 13.56 -17.12
N PRO B 14 3.73 12.50 -17.94
CA PRO B 14 4.84 11.61 -18.31
C PRO B 14 6.10 12.35 -18.77
N GLY B 15 7.21 12.09 -18.09
CA GLY B 15 8.48 12.78 -18.36
C GLY B 15 8.87 13.73 -17.25
N GLY B 16 7.88 14.40 -16.66
CA GLY B 16 8.11 15.37 -15.58
C GLY B 16 8.56 14.72 -14.29
N SER B 17 8.96 15.54 -13.32
CA SER B 17 9.48 15.05 -12.05
C SER B 17 9.14 15.99 -10.88
N LEU B 18 8.91 15.40 -9.71
CA LEU B 18 8.65 16.17 -8.50
C LEU B 18 9.33 15.53 -7.29
N ARG B 19 9.72 16.36 -6.33
CA ARG B 19 10.35 15.90 -5.09
C ARG B 19 9.29 15.28 -4.19
N LEU B 20 9.71 14.31 -3.38
CA LEU B 20 8.80 13.61 -2.47
C LEU B 20 9.43 13.53 -1.07
N SER B 21 8.97 14.41 -0.18
CA SER B 21 9.56 14.54 1.16
C SER B 21 8.92 13.59 2.18
N CYS B 22 9.70 13.20 3.19
CA CYS B 22 9.22 12.41 4.32
C CYS B 22 10.02 12.78 5.57
N ALA B 23 9.42 13.62 6.41
CA ALA B 23 10.12 14.16 7.59
C ALA B 23 9.88 13.30 8.83
N ALA B 24 10.97 12.88 9.46
CA ALA B 24 10.91 12.13 10.73
C ALA B 24 11.02 13.04 11.95
N SER B 25 10.48 12.59 13.08
CA SER B 25 10.51 13.38 14.31
C SER B 25 10.13 12.11 15.07
N GLY B 26 10.29 12.12 16.38
CA GLY B 26 10.16 10.91 17.20
C GLY B 26 11.25 9.87 17.40
N PHE B 27 12.30 9.92 16.57
CA PHE B 27 13.42 9.00 16.70
C PHE B 27 14.67 9.52 15.98
N THR B 28 15.81 8.88 16.26
CA THR B 28 17.07 9.25 15.62
C THR B 28 17.07 8.85 14.15
N PHE B 29 16.98 9.84 13.27
CA PHE B 29 16.91 9.59 11.82
C PHE B 29 18.24 9.11 11.26
N SER B 30 19.34 9.74 11.69
CA SER B 30 20.68 9.39 11.22
C SER B 30 21.29 7.99 11.02
N SER B 31 20.62 6.97 11.56
CA SER B 31 20.97 5.69 12.17
C SER B 31 20.34 4.51 11.40
N TYR B 32 19.04 4.59 11.16
CA TYR B 32 18.31 3.53 10.45
C TYR B 32 18.42 3.69 8.94
N SER B 33 18.23 2.58 8.22
CA SER B 33 18.10 2.61 6.76
C SER B 33 16.64 2.89 6.41
N MET B 34 16.43 3.76 5.42
CA MET B 34 15.07 4.14 5.01
C MET B 34 14.75 3.57 3.64
N ASN B 35 13.50 3.13 3.47
CA ASN B 35 13.04 2.53 2.22
C ASN B 35 11.85 3.29 1.65
N TRP B 36 11.58 3.06 0.36
CA TRP B 36 10.36 3.54 -0.27
C TRP B 36 9.58 2.35 -0.81
N VAL B 37 8.29 2.30 -0.49
CA VAL B 37 7.41 1.23 -0.95
C VAL B 37 6.12 1.85 -1.50
N ARG B 38 5.70 1.40 -2.69
CA ARG B 38 4.51 1.94 -3.34
C ARG B 38 3.38 0.91 -3.39
N GLN B 39 2.16 1.41 -3.65
CA GLN B 39 0.98 0.55 -3.77
C GLN B 39 0.04 1.11 -4.84
N ALA B 40 -0.08 0.40 -5.96
CA ALA B 40 -0.97 0.80 -7.04
C ALA B 40 -2.43 0.62 -6.62
N PRO B 41 -3.32 1.51 -7.09
CA PRO B 41 -4.74 1.40 -6.74
C PRO B 41 -5.30 0.00 -6.98
N GLY B 42 -5.68 -0.68 -5.90
CA GLY B 42 -6.20 -2.05 -5.97
C GLY B 42 -5.13 -3.11 -5.81
N LYS B 43 -3.92 -2.83 -6.30
CA LYS B 43 -2.82 -3.80 -6.26
C LYS B 43 -2.18 -3.86 -4.88
N GLY B 44 -1.29 -4.84 -4.69
CA GLY B 44 -0.58 -5.04 -3.44
C GLY B 44 0.65 -4.15 -3.32
N LEU B 45 1.48 -4.41 -2.31
CA LEU B 45 2.66 -3.60 -2.03
C LEU B 45 3.85 -4.02 -2.88
N GLU B 46 4.69 -3.04 -3.22
CA GLU B 46 5.88 -3.26 -4.02
C GLU B 46 7.03 -2.39 -3.51
N TRP B 47 8.11 -3.04 -3.08
CA TRP B 47 9.30 -2.32 -2.63
C TRP B 47 9.94 -1.60 -3.82
N VAL B 48 10.21 -0.30 -3.65
CA VAL B 48 10.72 0.54 -4.74
C VAL B 48 12.23 0.74 -4.62
N SER B 49 12.66 1.31 -3.51
CA SER B 49 14.08 1.63 -3.30
C SER B 49 14.44 1.67 -1.82
N SER B 50 15.74 1.56 -1.55
CA SER B 50 16.28 1.62 -0.19
C SER B 50 17.57 2.45 -0.16
N ILE B 51 17.96 2.86 1.04
CA ILE B 51 19.17 3.65 1.23
C ILE B 51 19.75 3.48 2.64
N SER B 52 21.06 3.43 2.74
CA SER B 52 21.75 3.29 4.03
C SER B 52 21.68 4.59 4.83
N SER B 53 22.12 4.53 6.08
CA SER B 53 22.02 5.66 7.00
C SER B 53 22.82 6.89 6.55
N SER B 54 23.98 6.67 5.93
CA SER B 54 24.80 7.77 5.42
C SER B 54 24.82 7.84 3.89
N SER B 55 23.77 7.31 3.26
CA SER B 55 23.62 7.33 1.79
C SER B 55 24.75 6.63 1.04
N SER B 56 25.32 5.60 1.66
CA SER B 56 26.43 4.86 1.06
C SER B 56 25.94 3.78 0.10
N TYR B 57 24.98 2.98 0.56
CA TYR B 57 24.44 1.88 -0.23
C TYR B 57 23.00 2.16 -0.67
N ILE B 58 22.79 2.20 -1.98
CA ILE B 58 21.47 2.45 -2.57
C ILE B 58 21.09 1.31 -3.49
N TYR B 59 19.81 0.92 -3.45
CA TYR B 59 19.29 -0.13 -4.32
C TYR B 59 17.95 0.28 -4.92
N TYR B 60 17.67 -0.21 -6.12
CA TYR B 60 16.42 0.08 -6.82
C TYR B 60 15.82 -1.20 -7.40
N ALA B 61 14.49 -1.23 -7.52
CA ALA B 61 13.80 -2.31 -8.20
C ALA B 61 13.96 -2.15 -9.71
N ASP B 62 13.75 -3.25 -10.44
CA ASP B 62 13.89 -3.24 -11.91
C ASP B 62 12.83 -2.38 -12.59
N SER B 63 11.71 -2.14 -11.89
CA SER B 63 10.67 -1.24 -12.38
C SER B 63 11.06 0.24 -12.30
N VAL B 64 12.02 0.57 -11.43
CA VAL B 64 12.40 1.97 -11.19
C VAL B 64 13.90 2.25 -11.35
N LYS B 65 14.68 1.27 -11.81
CA LYS B 65 16.11 1.45 -11.98
C LYS B 65 16.41 2.30 -13.21
N GLY B 66 17.34 3.24 -13.08
CA GLY B 66 17.74 4.12 -14.17
C GLY B 66 16.76 5.26 -14.43
N ARG B 67 15.83 5.49 -13.49
CA ARG B 67 14.85 6.56 -13.60
C ARG B 67 14.66 7.27 -12.26
N PHE B 68 14.30 6.51 -11.24
CA PHE B 68 14.10 7.06 -9.89
C PHE B 68 15.44 7.28 -9.20
N THR B 69 15.50 8.32 -8.36
CA THR B 69 16.72 8.66 -7.62
C THR B 69 16.40 8.92 -6.15
N ILE B 70 16.90 8.04 -5.28
CA ILE B 70 16.67 8.14 -3.84
C ILE B 70 17.78 8.97 -3.19
N SER B 71 17.42 9.70 -2.12
CA SER B 71 18.37 10.52 -1.38
C SER B 71 17.82 10.90 0.00
N ARG B 72 18.69 11.47 0.84
CA ARG B 72 18.30 11.89 2.19
C ARG B 72 19.26 12.92 2.76
N ASP B 73 18.72 13.84 3.55
CA ASP B 73 19.52 14.80 4.31
C ASP B 73 19.36 14.46 5.79
N ASN B 74 20.44 13.94 6.39
CA ASN B 74 20.40 13.48 7.77
C ASN B 74 20.33 14.62 8.79
N ALA B 75 20.86 15.79 8.41
CA ALA B 75 20.77 16.97 9.26
C ALA B 75 19.33 17.48 9.38
N LYS B 76 18.60 17.45 8.27
CA LYS B 76 17.20 17.89 8.24
C LYS B 76 16.23 16.86 8.84
N ASN B 77 16.69 15.62 9.02
CA ASN B 77 15.84 14.52 9.46
C ASN B 77 14.67 14.30 8.50
N SER B 78 15.00 14.10 7.23
CA SER B 78 13.99 13.91 6.19
C SER B 78 14.50 13.00 5.07
N LEU B 79 13.58 12.26 4.45
CA LEU B 79 13.89 11.37 3.34
C LEU B 79 13.30 11.93 2.05
N TYR B 80 14.03 11.74 0.94
CA TYR B 80 13.64 12.29 -0.35
C TYR B 80 13.57 11.22 -1.44
N LEU B 81 12.90 11.56 -2.54
CA LEU B 81 12.81 10.67 -3.70
C LEU B 81 12.40 11.45 -4.96
N GLN B 82 13.40 11.79 -5.77
CA GLN B 82 13.15 12.47 -7.05
C GLN B 82 12.77 11.43 -8.09
N MET B 83 11.63 11.62 -8.74
CA MET B 83 11.08 10.65 -9.68
C MET B 83 11.10 11.20 -11.11
N ASN B 84 12.12 10.80 -11.88
CA ASN B 84 12.29 11.27 -13.25
C ASN B 84 11.72 10.28 -14.27
N SER B 85 11.34 10.80 -15.44
CA SER B 85 10.85 9.99 -16.56
C SER B 85 9.74 9.03 -16.15
N LEU B 86 8.65 9.59 -15.63
CA LEU B 86 7.54 8.81 -15.08
C LEU B 86 6.67 8.18 -16.18
N ARG B 87 6.16 6.98 -15.89
CA ARG B 87 5.26 6.26 -16.79
C ARG B 87 3.86 6.16 -16.17
N ALA B 88 2.90 5.71 -16.96
CA ALA B 88 1.52 5.53 -16.51
C ALA B 88 1.42 4.48 -15.40
N GLU B 89 2.32 3.50 -15.44
CA GLU B 89 2.36 2.43 -14.43
C GLU B 89 3.12 2.81 -13.16
N ASP B 90 3.49 4.09 -13.01
CA ASP B 90 4.09 4.59 -11.77
C ASP B 90 3.07 5.29 -10.87
N THR B 91 1.84 5.45 -11.36
CA THR B 91 0.75 6.02 -10.57
C THR B 91 0.44 5.11 -9.39
N ALA B 92 0.78 5.56 -8.18
CA ALA B 92 0.59 4.75 -6.99
C ALA B 92 0.63 5.57 -5.70
N VAL B 93 0.32 4.92 -4.58
CA VAL B 93 0.44 5.50 -3.25
C VAL B 93 1.82 5.13 -2.70
N TYR B 94 2.68 6.13 -2.54
CA TYR B 94 4.07 5.90 -2.12
C TYR B 94 4.24 6.10 -0.62
N TYR B 95 4.90 5.13 0.03
CA TYR B 95 5.14 5.17 1.47
C TYR B 95 6.64 5.15 1.77
N CYS B 96 7.08 6.13 2.56
CA CYS B 96 8.38 6.04 3.21
C CYS B 96 8.22 5.19 4.46
N ALA B 97 9.29 4.51 4.86
CA ALA B 97 9.23 3.64 6.03
C ALA B 97 10.60 3.39 6.64
N ARG B 98 10.62 3.22 7.97
CA ARG B 98 11.83 2.87 8.69
C ARG B 98 12.03 1.37 8.61
N VAL B 99 13.29 0.94 8.50
CA VAL B 99 13.63 -0.47 8.36
C VAL B 99 14.49 -0.95 9.51
N THR B 100 14.02 -2.00 10.18
CA THR B 100 14.77 -2.67 11.24
C THR B 100 14.31 -4.09 11.56
N ASP B 101 14.78 -4.99 10.72
CA ASP B 101 14.22 -6.30 10.69
C ASP B 101 13.10 -6.26 9.68
N ALA B 102 12.11 -5.48 9.99
CA ALA B 102 10.87 -5.41 9.22
C ALA B 102 10.58 -3.91 9.13
N PHE B 103 9.62 -3.55 8.29
CA PHE B 103 9.23 -2.14 8.12
C PHE B 103 8.33 -1.72 9.28
N ASP B 104 8.94 -1.43 10.43
CA ASP B 104 8.19 -1.22 11.67
C ASP B 104 7.40 0.09 11.71
N ILE B 105 7.93 1.15 11.11
CA ILE B 105 7.25 2.46 11.09
C ILE B 105 6.96 2.87 9.65
N TRP B 106 5.71 3.24 9.39
CA TRP B 106 5.27 3.65 8.06
C TRP B 106 4.77 5.09 8.07
N GLY B 107 5.05 5.81 6.99
CA GLY B 107 4.50 7.15 6.80
C GLY B 107 3.04 7.08 6.40
N GLN B 108 2.32 8.19 6.57
CA GLN B 108 0.89 8.27 6.26
C GLN B 108 0.58 7.89 4.81
N GLY B 109 1.46 8.28 3.89
CA GLY B 109 1.33 7.93 2.48
C GLY B 109 1.04 9.16 1.64
N THR B 110 1.47 9.12 0.38
CA THR B 110 1.20 10.20 -0.57
C THR B 110 1.03 9.62 -1.98
N MET B 111 -0.08 9.96 -2.62
CA MET B 111 -0.38 9.45 -3.95
C MET B 111 0.17 10.37 -5.02
N VAL B 112 0.95 9.80 -5.93
CA VAL B 112 1.39 10.51 -7.13
C VAL B 112 0.60 9.94 -8.31
N THR B 113 0.23 10.83 -9.24
CA THR B 113 -0.59 10.45 -10.39
C THR B 113 0.10 10.83 -11.69
N VAL B 114 0.47 9.83 -12.47
CA VAL B 114 1.07 10.04 -13.78
C VAL B 114 0.10 9.54 -14.86
N SER B 115 -0.58 10.48 -15.52
CA SER B 115 -1.55 10.14 -16.55
C SER B 115 -1.38 11.43 -17.38
N SER B 116 -1.68 11.36 -18.67
CA SER B 116 -1.45 12.47 -19.60
C SER B 116 -2.30 13.73 -19.78
N ALA B 117 -3.60 13.58 -19.53
CA ALA B 117 -4.58 14.64 -19.78
C ALA B 117 -4.45 15.79 -18.78
N SER B 118 -5.00 16.93 -19.18
CA SER B 118 -5.04 18.12 -18.34
C SER B 118 -6.29 18.10 -17.48
N THR B 119 -6.46 19.10 -16.62
CA THR B 119 -7.64 19.22 -15.78
C THR B 119 -8.89 19.34 -16.65
N LYS B 120 -9.86 18.47 -16.41
CA LYS B 120 -11.05 18.36 -17.25
C LYS B 120 -12.28 17.98 -16.43
N GLY B 121 -13.41 18.65 -16.70
CA GLY B 121 -14.66 18.38 -16.01
C GLY B 121 -15.33 17.12 -16.51
N PRO B 122 -16.17 16.48 -15.66
CA PRO B 122 -16.83 15.23 -16.01
C PRO B 122 -18.06 15.41 -16.91
N SER B 123 -18.39 14.35 -17.65
CA SER B 123 -19.67 14.27 -18.35
C SER B 123 -20.54 13.26 -17.61
N VAL B 124 -21.70 13.71 -17.13
CA VAL B 124 -22.59 12.86 -16.35
C VAL B 124 -23.68 12.26 -17.24
N PHE B 125 -23.60 10.95 -17.47
CA PHE B 125 -24.59 10.24 -18.26
C PHE B 125 -25.49 9.41 -17.35
N PRO B 126 -26.79 9.31 -17.68
CA PRO B 126 -27.73 8.58 -16.84
C PRO B 126 -27.69 7.07 -17.07
N LEU B 127 -27.79 6.31 -15.98
CA LEU B 127 -27.92 4.87 -16.05
C LEU B 127 -29.37 4.52 -15.76
N ALA B 128 -30.19 4.48 -16.83
CA ALA B 128 -31.63 4.38 -16.69
C ALA B 128 -32.10 2.95 -16.39
N PRO B 129 -33.10 2.81 -15.49
CA PRO B 129 -33.65 1.49 -15.15
C PRO B 129 -34.55 0.93 -16.25
N SER B 130 -34.62 -0.41 -16.32
CA SER B 130 -35.46 -1.09 -17.32
C SER B 130 -36.92 -1.12 -16.90
N GLY B 137 -38.77 -6.97 -7.81
CA GLY B 137 -39.02 -6.13 -6.64
C GLY B 137 -38.30 -4.80 -6.71
N THR B 138 -36.99 -4.83 -6.42
CA THR B 138 -36.17 -3.62 -6.44
C THR B 138 -35.74 -3.25 -7.87
N ALA B 139 -35.49 -1.97 -8.09
CA ALA B 139 -35.02 -1.46 -9.37
C ALA B 139 -33.78 -0.60 -9.15
N ALA B 140 -32.84 -0.67 -10.08
CA ALA B 140 -31.56 0.02 -9.96
C ALA B 140 -31.40 1.12 -11.01
N LEU B 141 -30.89 2.27 -10.58
CA LEU B 141 -30.58 3.39 -11.47
C LEU B 141 -29.29 4.04 -11.02
N GLY B 142 -28.83 5.05 -11.76
CA GLY B 142 -27.59 5.74 -11.39
C GLY B 142 -27.11 6.81 -12.35
N CYS B 143 -25.89 7.28 -12.12
CA CYS B 143 -25.21 8.23 -12.98
C CYS B 143 -23.80 7.76 -13.28
N LEU B 144 -23.38 7.91 -14.53
CA LEU B 144 -22.03 7.56 -14.96
C LEU B 144 -21.21 8.82 -15.14
N VAL B 145 -20.35 9.10 -14.16
CA VAL B 145 -19.45 10.25 -14.20
C VAL B 145 -18.18 9.85 -14.96
N LYS B 146 -18.09 10.26 -16.23
CA LYS B 146 -17.04 9.79 -17.12
C LYS B 146 -16.10 10.89 -17.56
N ASP B 147 -14.83 10.52 -17.75
CA ASP B 147 -13.78 11.40 -18.28
C ASP B 147 -13.44 12.71 -17.56
N TYR B 148 -12.99 12.58 -16.31
CA TYR B 148 -12.51 13.72 -15.53
C TYR B 148 -11.11 13.56 -14.96
N PHE B 149 -10.53 14.66 -14.52
CA PHE B 149 -9.17 14.66 -13.99
C PHE B 149 -8.92 15.97 -13.25
N PRO B 150 -8.36 15.93 -12.03
CA PRO B 150 -7.96 14.78 -11.21
C PRO B 150 -9.10 14.23 -10.35
N GLU B 151 -8.76 13.37 -9.38
CA GLU B 151 -9.74 12.61 -8.59
C GLU B 151 -10.88 13.15 -7.72
N PRO B 152 -10.79 14.41 -7.25
CA PRO B 152 -11.66 14.92 -6.18
C PRO B 152 -13.04 15.12 -6.82
N VAL B 153 -13.89 14.10 -6.71
CA VAL B 153 -15.26 14.14 -7.25
C VAL B 153 -16.28 13.65 -6.22
N THR B 154 -17.19 14.53 -5.83
CA THR B 154 -18.27 14.19 -4.91
C THR B 154 -19.50 13.73 -5.69
N VAL B 155 -20.23 12.75 -5.13
CA VAL B 155 -21.50 12.31 -5.68
C VAL B 155 -22.51 12.06 -4.57
N SER B 156 -23.59 12.85 -4.56
CA SER B 156 -24.72 12.64 -3.64
C SER B 156 -26.01 12.53 -4.44
N TRP B 157 -27.10 12.18 -3.75
CA TRP B 157 -28.39 12.00 -4.40
C TRP B 157 -29.47 12.83 -3.69
N ASN B 158 -30.24 13.58 -4.48
CA ASN B 158 -31.26 14.49 -3.96
C ASN B 158 -30.73 15.42 -2.87
N SER B 159 -29.54 15.97 -3.10
CA SER B 159 -28.89 16.90 -2.17
C SER B 159 -28.69 16.28 -0.78
N GLY B 160 -28.32 15.00 -0.74
CA GLY B 160 -28.09 14.29 0.52
C GLY B 160 -29.34 13.69 1.16
N ALA B 161 -30.51 13.96 0.59
CA ALA B 161 -31.77 13.45 1.12
C ALA B 161 -31.94 11.95 0.84
N LEU B 162 -31.30 11.47 -0.22
CA LEU B 162 -31.33 10.04 -0.57
C LEU B 162 -29.95 9.42 -0.37
N THR B 163 -29.73 8.88 0.82
CA THR B 163 -28.47 8.19 1.16
C THR B 163 -28.65 6.67 1.25
N SER B 164 -29.86 6.22 1.57
CA SER B 164 -30.15 4.80 1.73
C SER B 164 -30.15 4.08 0.39
N GLY B 165 -29.44 2.95 0.33
CA GLY B 165 -29.35 2.15 -0.89
C GLY B 165 -28.42 2.71 -1.95
N VAL B 166 -27.59 3.69 -1.58
CA VAL B 166 -26.67 4.33 -2.52
C VAL B 166 -25.31 3.65 -2.48
N HIS B 167 -24.69 3.50 -3.66
CA HIS B 167 -23.34 2.96 -3.78
C HIS B 167 -22.53 3.76 -4.79
N THR B 168 -21.61 4.58 -4.29
CA THR B 168 -20.68 5.32 -5.14
C THR B 168 -19.35 4.58 -5.21
N PHE B 169 -19.07 3.97 -6.36
CA PHE B 169 -17.88 3.13 -6.52
C PHE B 169 -16.62 3.97 -6.61
N PRO B 170 -15.47 3.41 -6.20
CA PRO B 170 -14.19 4.10 -6.39
C PRO B 170 -13.89 4.38 -7.86
N ALA B 171 -13.13 5.45 -8.10
CA ALA B 171 -12.77 5.85 -9.47
C ALA B 171 -11.72 4.92 -10.04
N VAL B 172 -11.65 4.88 -11.38
CA VAL B 172 -10.63 4.09 -12.07
C VAL B 172 -10.05 4.88 -13.24
N LEU B 173 -8.73 4.82 -13.39
CA LEU B 173 -8.05 5.44 -14.53
C LEU B 173 -8.25 4.61 -15.78
N GLN B 174 -8.77 5.24 -16.82
CA GLN B 174 -8.87 4.62 -18.14
C GLN B 174 -7.52 4.72 -18.83
N SER B 175 -7.39 4.08 -19.99
CA SER B 175 -6.16 4.13 -20.78
C SER B 175 -5.89 5.53 -21.35
N SER B 176 -6.94 6.33 -21.46
CA SER B 176 -6.83 7.71 -21.90
C SER B 176 -6.25 8.64 -20.82
N GLY B 177 -6.15 8.14 -19.59
CA GLY B 177 -5.60 8.92 -18.47
C GLY B 177 -6.64 9.76 -17.75
N LEU B 178 -7.90 9.60 -18.14
CA LEU B 178 -9.01 10.28 -17.46
C LEU B 178 -9.73 9.29 -16.56
N TYR B 179 -10.23 9.79 -15.42
CA TYR B 179 -10.94 8.96 -14.47
C TYR B 179 -12.38 8.76 -14.87
N SER B 180 -12.94 7.62 -14.49
CA SER B 180 -14.34 7.32 -14.73
C SER B 180 -14.94 6.67 -13.49
N LEU B 181 -16.11 7.14 -13.09
CA LEU B 181 -16.77 6.71 -11.87
C LEU B 181 -18.25 6.55 -12.11
N SER B 182 -18.88 5.67 -11.32
CA SER B 182 -20.32 5.45 -11.39
C SER B 182 -20.91 5.45 -9.99
N SER B 183 -22.06 6.07 -9.84
CA SER B 183 -22.81 6.06 -8.59
C SER B 183 -24.23 5.56 -8.87
N VAL B 184 -24.67 4.57 -8.11
CA VAL B 184 -25.97 3.94 -8.33
C VAL B 184 -26.79 3.91 -7.05
N VAL B 185 -28.11 3.87 -7.21
CA VAL B 185 -29.04 3.73 -6.09
C VAL B 185 -30.16 2.75 -6.44
N THR B 186 -30.42 1.81 -5.53
CA THR B 186 -31.55 0.89 -5.66
C THR B 186 -32.74 1.49 -4.92
N VAL B 187 -33.88 1.52 -5.60
CA VAL B 187 -35.11 2.07 -5.03
C VAL B 187 -36.29 1.17 -5.40
N PRO B 188 -37.40 1.28 -4.65
CA PRO B 188 -38.61 0.53 -4.99
C PRO B 188 -39.07 0.77 -6.43
N SER B 189 -39.45 -0.31 -7.12
CA SER B 189 -39.85 -0.23 -8.52
C SER B 189 -41.16 0.56 -8.72
N SER B 190 -42.02 0.56 -7.70
CA SER B 190 -43.31 1.26 -7.78
C SER B 190 -43.16 2.79 -7.81
N SER B 191 -42.15 3.31 -7.13
CA SER B 191 -41.97 4.76 -6.97
C SER B 191 -41.11 5.40 -8.07
N LEU B 192 -41.00 4.76 -9.23
CA LEU B 192 -40.18 5.28 -10.33
C LEU B 192 -40.82 6.48 -11.00
N GLY B 193 -42.06 6.32 -11.45
CA GLY B 193 -42.78 7.38 -12.14
C GLY B 193 -43.10 8.58 -11.27
N THR B 194 -43.33 8.34 -9.98
CA THR B 194 -43.69 9.39 -9.03
C THR B 194 -42.47 10.15 -8.53
N GLN B 195 -41.58 9.46 -7.82
CA GLN B 195 -40.47 10.11 -7.13
C GLN B 195 -39.32 10.40 -8.09
N THR B 196 -38.86 11.64 -8.11
CA THR B 196 -37.76 12.07 -8.98
C THR B 196 -36.42 11.78 -8.33
N TYR B 197 -35.42 11.48 -9.16
CA TYR B 197 -34.08 11.13 -8.68
C TYR B 197 -33.01 11.96 -9.36
N ILE B 198 -32.36 12.83 -8.60
CA ILE B 198 -31.28 13.68 -9.09
C ILE B 198 -29.96 13.28 -8.45
N CYS B 199 -28.93 13.02 -9.25
CA CYS B 199 -27.58 12.84 -8.72
C CYS B 199 -26.84 14.17 -8.80
N ASN B 200 -26.20 14.55 -7.71
CA ASN B 200 -25.49 15.82 -7.62
C ASN B 200 -23.99 15.57 -7.66
N VAL B 201 -23.39 15.78 -8.83
CA VAL B 201 -21.95 15.57 -9.02
C VAL B 201 -21.21 16.90 -8.95
N ASN B 202 -20.05 16.89 -8.30
CA ASN B 202 -19.26 18.10 -8.10
C ASN B 202 -17.78 17.79 -8.27
N HIS B 203 -17.13 18.49 -9.21
CA HIS B 203 -15.70 18.34 -9.48
C HIS B 203 -15.02 19.68 -9.28
N LYS B 204 -14.52 19.90 -8.06
CA LYS B 204 -13.95 21.20 -7.66
C LYS B 204 -12.71 21.63 -8.45
N PRO B 205 -11.83 20.68 -8.84
CA PRO B 205 -10.66 21.05 -9.62
C PRO B 205 -10.94 21.83 -10.92
N SER B 206 -12.10 21.60 -11.53
CA SER B 206 -12.50 22.31 -12.76
C SER B 206 -13.76 23.14 -12.58
N ASN B 207 -14.21 23.32 -11.34
CA ASN B 207 -15.44 24.07 -11.02
C ASN B 207 -16.63 23.59 -11.85
N THR B 208 -16.93 22.31 -11.74
CA THR B 208 -17.98 21.67 -12.55
C THR B 208 -19.04 21.00 -11.69
N LYS B 209 -20.01 21.78 -11.22
CA LYS B 209 -21.19 21.26 -10.55
C LYS B 209 -22.19 20.80 -11.61
N VAL B 210 -22.73 19.60 -11.44
CA VAL B 210 -23.70 19.03 -12.39
C VAL B 210 -24.81 18.30 -11.64
N ASP B 211 -26.06 18.53 -12.07
CA ASP B 211 -27.23 17.85 -11.50
C ASP B 211 -28.00 17.14 -12.61
N LYS B 212 -27.85 15.81 -12.67
CA LYS B 212 -28.48 15.00 -13.71
C LYS B 212 -29.70 14.26 -13.15
N ARG B 213 -30.86 14.48 -13.77
CA ARG B 213 -32.07 13.74 -13.43
C ARG B 213 -32.13 12.45 -14.24
N VAL B 214 -32.25 11.32 -13.56
CA VAL B 214 -32.33 10.01 -14.22
C VAL B 214 -33.79 9.57 -14.29
N GLU B 215 -34.19 9.07 -15.46
CA GLU B 215 -35.56 8.63 -15.69
C GLU B 215 -35.60 7.28 -16.42
N PRO B 216 -36.66 6.47 -16.15
CA PRO B 216 -36.75 5.13 -16.73
C PRO B 216 -36.98 5.13 -18.25
N GLY C 4 20.43 -12.51 -0.89
CA GLY C 4 21.65 -12.69 -0.06
C GLY C 4 22.15 -11.37 0.52
N TYR C 5 21.23 -10.61 1.13
CA TYR C 5 21.56 -9.33 1.74
C TYR C 5 20.92 -9.23 3.14
N ARG C 6 21.52 -9.93 4.10
CA ARG C 6 20.97 -10.01 5.45
C ARG C 6 22.08 -9.91 6.51
N ILE C 7 21.72 -9.38 7.68
CA ILE C 7 22.64 -9.21 8.80
C ILE C 7 22.34 -10.20 9.92
N TYR C 8 23.38 -10.82 10.48
CA TYR C 8 23.22 -11.81 11.54
C TYR C 8 23.00 -11.15 12.90
N ASP C 9 24.03 -10.46 13.40
CA ASP C 9 23.93 -9.75 14.68
C ASP C 9 25.02 -8.69 14.80
N VAL C 10 24.75 -7.66 15.61
CA VAL C 10 25.68 -6.58 15.86
C VAL C 10 26.04 -6.56 17.35
N VAL C 11 27.33 -6.75 17.65
CA VAL C 11 27.82 -6.81 19.03
C VAL C 11 28.92 -5.79 19.25
N LEU C 12 28.91 -5.16 20.43
CA LEU C 12 29.97 -4.23 20.83
C LEU C 12 30.95 -4.94 21.76
N SER C 13 32.21 -4.52 21.73
CA SER C 13 33.26 -5.09 22.57
C SER C 13 34.16 -3.98 23.14
N PRO C 14 34.15 -3.79 24.49
CA PRO C 14 33.35 -4.50 25.48
C PRO C 14 31.85 -4.19 25.39
N SER C 15 31.02 -5.13 25.84
CA SER C 15 29.57 -5.02 25.70
C SER C 15 28.88 -4.33 26.89
N HIS C 16 29.39 -4.57 28.10
CA HIS C 16 28.77 -4.06 29.32
C HIS C 16 29.79 -3.66 30.37
N GLY C 17 29.37 -2.82 31.31
CA GLY C 17 30.17 -2.47 32.49
C GLY C 17 31.50 -1.78 32.21
N ILE C 18 31.54 -0.93 31.19
CA ILE C 18 32.75 -0.17 30.86
C ILE C 18 32.82 1.05 31.79
N GLU C 19 33.94 1.17 32.50
CA GLU C 19 34.13 2.25 33.46
C GLU C 19 35.52 2.90 33.30
N LEU C 20 35.54 4.21 33.07
CA LEU C 20 36.77 4.96 32.87
C LEU C 20 36.90 6.10 33.88
N SER C 21 38.09 6.68 33.96
CA SER C 21 38.33 7.88 34.74
C SER C 21 38.36 9.07 33.79
N VAL C 22 38.33 10.29 34.34
CA VAL C 22 38.34 11.50 33.54
C VAL C 22 39.70 11.69 32.87
N GLY C 23 39.70 11.79 31.54
CA GLY C 23 40.92 11.96 30.76
C GLY C 23 41.50 10.68 30.18
N GLU C 24 40.87 9.54 30.49
CA GLU C 24 41.32 8.24 29.99
C GLU C 24 40.81 8.01 28.56
N LYS C 25 41.57 7.25 27.78
CA LYS C 25 41.19 6.93 26.40
C LYS C 25 40.08 5.88 26.37
N LEU C 26 39.00 6.20 25.67
CA LEU C 26 37.84 5.30 25.54
C LEU C 26 37.89 4.62 24.17
N VAL C 27 37.69 3.31 24.16
CA VAL C 27 37.68 2.51 22.93
C VAL C 27 36.42 1.65 22.86
N LEU C 28 35.72 1.73 21.73
CA LEU C 28 34.49 0.97 21.52
C LEU C 28 34.41 0.43 20.10
N ASN C 29 34.75 -0.85 19.92
CA ASN C 29 34.64 -1.52 18.63
C ASN C 29 33.21 -2.00 18.39
N CYS C 30 32.86 -2.20 17.13
CA CYS C 30 31.50 -2.59 16.74
C CYS C 30 31.51 -3.60 15.61
N THR C 31 31.44 -4.89 15.98
CA THR C 31 31.44 -5.99 15.01
C THR C 31 30.03 -6.25 14.49
N ALA C 32 29.93 -6.63 13.21
CA ALA C 32 28.65 -6.94 12.59
C ALA C 32 28.81 -8.03 11.53
N ARG C 33 28.29 -9.22 11.83
CA ARG C 33 28.38 -10.36 10.91
C ARG C 33 27.28 -10.29 9.85
N THR C 34 27.67 -10.46 8.59
CA THR C 34 26.73 -10.41 7.46
C THR C 34 27.10 -11.43 6.37
N GLU C 35 26.24 -11.55 5.37
CA GLU C 35 26.49 -12.44 4.22
C GLU C 35 27.49 -11.83 3.25
N LEU C 36 27.83 -12.58 2.20
CA LEU C 36 28.90 -12.21 1.26
C LEU C 36 28.63 -10.90 0.51
N ASN C 37 27.42 -10.77 -0.04
CA ASN C 37 27.07 -9.60 -0.85
C ASN C 37 26.64 -8.38 -0.05
N VAL C 38 26.52 -8.53 1.27
CA VAL C 38 25.99 -7.47 2.13
C VAL C 38 27.01 -6.35 2.36
N GLY C 39 26.58 -5.12 2.10
CA GLY C 39 27.34 -3.92 2.49
C GLY C 39 26.79 -3.38 3.78
N ILE C 40 27.65 -2.78 4.61
CA ILE C 40 27.25 -2.27 5.92
C ILE C 40 27.70 -0.81 6.09
N ASP C 41 26.86 -0.04 6.78
CA ASP C 41 27.12 1.39 7.01
C ASP C 41 26.92 1.72 8.48
N PHE C 42 28.00 2.11 9.15
CA PHE C 42 27.99 2.37 10.59
C PHE C 42 27.66 3.82 10.91
N ASN C 43 26.63 4.03 11.74
CA ASN C 43 26.30 5.34 12.28
C ASN C 43 26.18 5.27 13.80
N TRP C 44 26.98 6.07 14.49
CA TRP C 44 27.03 6.05 15.95
C TRP C 44 26.08 7.08 16.57
N GLU C 45 25.80 6.90 17.86
CA GLU C 45 24.98 7.84 18.63
C GLU C 45 25.61 8.03 20.01
N TYR C 46 26.12 9.23 20.26
CA TYR C 46 26.78 9.55 21.54
C TYR C 46 26.02 10.67 22.27
N PRO C 47 26.13 10.73 23.61
CA PRO C 47 25.35 11.70 24.39
C PRO C 47 25.91 13.13 24.38
N SER C 48 27.22 13.26 24.23
CA SER C 48 27.88 14.58 24.28
C SER C 48 27.58 15.44 23.05
N SER C 49 27.84 16.74 23.17
CA SER C 49 27.65 17.69 22.08
C SER C 49 28.93 18.46 21.75
N LYS C 50 30.07 17.91 22.16
CA LYS C 50 31.37 18.54 21.92
C LYS C 50 32.07 17.93 20.70
N HIS C 51 31.95 16.61 20.54
CA HIS C 51 32.62 15.88 19.45
C HIS C 51 31.72 15.77 18.22
N GLN C 52 32.34 15.49 17.09
CA GLN C 52 31.64 15.27 15.82
C GLN C 52 31.74 13.81 15.42
N HIS C 53 31.07 13.45 14.32
CA HIS C 53 31.15 12.10 13.76
C HIS C 53 32.38 11.91 12.87
N LYS C 54 33.11 13.00 12.63
CA LYS C 54 34.30 12.99 11.77
C LYS C 54 35.60 12.78 12.57
N LYS C 55 35.51 12.89 13.90
CA LYS C 55 36.67 12.74 14.78
C LYS C 55 36.78 11.32 15.33
N LEU C 56 35.74 10.89 16.06
CA LEU C 56 35.79 9.66 16.85
C LEU C 56 35.64 8.40 16.00
N VAL C 57 34.70 8.42 15.04
CA VAL C 57 34.44 7.28 14.18
C VAL C 57 35.60 7.07 13.20
N ASN C 58 35.94 5.81 12.93
CA ASN C 58 37.06 5.46 12.06
C ASN C 58 36.80 5.86 10.60
N ARG C 59 37.81 6.45 9.97
CA ARG C 59 37.73 6.85 8.56
C ARG C 59 38.00 5.66 7.64
N ASP C 60 38.94 4.81 8.04
CA ASP C 60 39.19 3.54 7.34
C ASP C 60 38.18 2.47 7.76
N LEU C 61 38.25 1.31 7.10
CA LEU C 61 37.37 0.19 7.43
C LEU C 61 38.19 -1.04 7.83
N LYS C 62 37.53 -2.01 8.45
CA LYS C 62 38.16 -3.25 8.86
C LYS C 62 37.23 -4.43 8.56
N THR C 63 37.52 -5.14 7.46
CA THR C 63 36.69 -6.26 7.02
C THR C 63 37.46 -7.58 7.04
N GLN C 64 36.74 -8.68 7.26
CA GLN C 64 37.32 -10.02 7.28
C GLN C 64 36.38 -11.01 6.61
N SER C 65 36.94 -11.92 5.82
CA SER C 65 36.16 -12.94 5.12
C SER C 65 36.48 -14.37 5.56
N GLY C 66 35.43 -15.12 5.90
CA GLY C 66 35.58 -16.51 6.35
C GLY C 66 34.51 -17.42 5.77
N SER C 67 34.92 -18.30 4.87
CA SER C 67 34.04 -19.27 4.20
C SER C 67 32.90 -18.37 3.69
N GLU C 68 31.69 -18.57 4.22
CA GLU C 68 30.52 -17.79 3.80
C GLU C 68 29.90 -16.75 4.75
N MET C 69 30.75 -16.06 5.51
CA MET C 69 30.31 -15.00 6.41
C MET C 69 31.33 -13.87 6.44
N LYS C 70 30.84 -12.64 6.32
CA LYS C 70 31.70 -11.46 6.34
C LYS C 70 31.54 -10.68 7.64
N LYS C 71 32.66 -10.19 8.17
CA LYS C 71 32.66 -9.36 9.38
C LYS C 71 32.98 -7.91 9.01
N PHE C 72 32.21 -6.99 9.56
CA PHE C 72 32.46 -5.56 9.41
C PHE C 72 32.74 -4.95 10.78
N LEU C 73 33.85 -4.23 10.91
CA LEU C 73 34.27 -3.68 12.19
C LEU C 73 34.51 -2.17 12.08
N SER C 74 33.92 -1.43 13.01
CA SER C 74 34.08 0.03 13.08
C SER C 74 34.39 0.42 14.53
N THR C 75 35.48 1.18 14.71
CA THR C 75 35.96 1.56 16.04
C THR C 75 35.60 3.01 16.37
N LEU C 76 35.49 3.29 17.67
CA LEU C 76 35.22 4.64 18.17
C LEU C 76 36.27 5.00 19.23
N THR C 77 37.19 5.89 18.88
CA THR C 77 38.28 6.29 19.78
C THR C 77 38.09 7.73 20.26
N ILE C 78 38.16 7.94 21.56
CA ILE C 78 38.05 9.27 22.17
C ILE C 78 39.30 9.57 23.00
N ASP C 79 40.10 10.52 22.52
CA ASP C 79 41.32 10.92 23.22
C ASP C 79 40.96 11.81 24.42
N GLY C 80 40.75 11.18 25.57
CA GLY C 80 40.34 11.88 26.79
C GLY C 80 38.83 11.97 26.90
N VAL C 81 38.32 11.76 28.11
CA VAL C 81 36.87 11.76 28.36
C VAL C 81 36.47 12.77 29.44
N THR C 82 35.18 13.10 29.46
CA THR C 82 34.63 14.08 30.39
C THR C 82 33.27 13.58 30.90
N ARG C 83 32.64 14.34 31.81
CA ARG C 83 31.30 14.02 32.30
C ARG C 83 30.22 14.10 31.22
N SER C 84 30.42 14.95 30.23
CA SER C 84 29.47 15.10 29.12
C SER C 84 29.40 13.83 28.25
N ASP C 85 30.50 13.08 28.20
CA ASP C 85 30.54 11.82 27.45
C ASP C 85 29.75 10.69 28.13
N GLN C 86 29.45 10.85 29.42
CA GLN C 86 28.68 9.85 30.16
C GLN C 86 27.23 9.79 29.65
N GLY C 87 26.76 8.58 29.37
CA GLY C 87 25.40 8.36 28.87
C GLY C 87 25.24 7.00 28.22
N LEU C 88 24.47 6.95 27.14
CA LEU C 88 24.20 5.71 26.41
C LEU C 88 24.80 5.78 25.01
N TYR C 89 25.66 4.81 24.68
CA TYR C 89 26.26 4.70 23.36
C TYR C 89 25.52 3.62 22.55
N THR C 90 25.29 3.90 21.27
CA THR C 90 24.60 2.96 20.39
C THR C 90 25.28 2.89 19.02
N CYS C 91 25.45 1.67 18.52
CA CYS C 91 26.07 1.44 17.22
C CYS C 91 25.05 0.80 16.26
N ALA C 92 24.55 1.61 15.33
CA ALA C 92 23.59 1.14 14.33
C ALA C 92 24.29 0.80 13.02
N ALA C 93 24.11 -0.44 12.56
CA ALA C 93 24.72 -0.93 11.32
C ALA C 93 23.65 -1.18 10.26
N SER C 94 23.47 -0.19 9.39
CA SER C 94 22.43 -0.26 8.35
C SER C 94 23.00 -0.78 7.03
N SER C 95 22.27 -1.69 6.39
CA SER C 95 22.67 -2.26 5.11
C SER C 95 21.79 -1.76 3.95
N GLY C 96 20.81 -0.93 4.27
CA GLY C 96 19.84 -0.45 3.28
C GLY C 96 18.52 -1.17 3.43
N LEU C 97 18.55 -2.50 3.31
CA LEU C 97 17.37 -3.34 3.45
C LEU C 97 17.16 -3.81 4.90
N MET C 98 18.13 -3.52 5.78
CA MET C 98 18.07 -3.96 7.16
C MET C 98 18.89 -3.03 8.06
N THR C 99 18.54 -2.95 9.34
CA THR C 99 19.30 -2.17 10.31
C THR C 99 19.13 -2.71 11.73
N LYS C 100 20.22 -3.26 12.28
CA LYS C 100 20.24 -3.73 13.66
C LYS C 100 21.13 -2.83 14.52
N LYS C 101 20.76 -2.69 15.79
CA LYS C 101 21.49 -1.82 16.72
C LYS C 101 21.58 -2.45 18.11
N ASN C 102 22.71 -2.20 18.77
CA ASN C 102 22.94 -2.71 20.13
C ASN C 102 23.43 -1.58 21.04
N SER C 103 22.93 -1.58 22.28
CA SER C 103 23.21 -0.50 23.23
C SER C 103 24.28 -0.90 24.26
N THR C 104 24.83 0.10 24.93
CA THR C 104 25.81 -0.11 26.00
C THR C 104 25.96 1.17 26.83
N PHE C 105 26.18 1.01 28.13
CA PHE C 105 26.29 2.15 29.06
C PHE C 105 27.73 2.29 29.55
N VAL C 106 28.23 3.53 29.56
CA VAL C 106 29.58 3.85 30.01
C VAL C 106 29.54 4.92 31.10
N ARG C 107 30.36 4.76 32.12
CA ARG C 107 30.40 5.68 33.26
C ARG C 107 31.79 6.30 33.44
N VAL C 108 31.84 7.63 33.51
CA VAL C 108 33.09 8.36 33.72
C VAL C 108 33.02 9.12 35.05
N HIS C 109 33.76 8.63 36.05
CA HIS C 109 33.73 9.22 37.40
C HIS C 109 34.78 10.31 37.55
N GLU C 110 34.48 11.29 38.41
CA GLU C 110 35.43 12.36 38.71
C GLU C 110 36.51 11.86 39.64
N LYS C 111 37.59 11.31 39.06
CA LYS C 111 38.71 10.79 39.82
C LYS C 111 40.00 10.80 38.99
N PRO C 112 41.16 10.97 39.64
CA PRO C 112 42.43 11.06 38.92
C PRO C 112 42.91 9.72 38.37
N PHE C 113 43.31 9.71 37.10
CA PHE C 113 43.81 8.50 36.46
C PHE C 113 45.30 8.33 36.74
#